data_5O34
#
_entry.id   5O34
#
_cell.length_a   113.220
_cell.length_b   113.220
_cell.length_c   158.130
_cell.angle_alpha   90.00
_cell.angle_beta   90.00
_cell.angle_gamma   90.00
#
_symmetry.space_group_name_H-M   'P 43 21 2'
#
loop_
_entity.id
_entity.type
_entity.pdbx_description
1 polymer 'Enoyl-CoA hydratase carB homologue'
2 water water
#
_entity_poly.entity_id   1
_entity_poly.type   'polypeptide(L)'
_entity_poly.pdbx_seq_one_letter_code
;MGAAAGERRTLSRKRGTTVDVPVKQESRQDRFEDQDEDRFAAQESIECSRLGDGIALAEFSGAHEQNPFSRARMRELTAL
MRELDADEKVRCVVLYGGAGRSFGVGGDFHEVSEFTGGDEVNAWIDDITDLYTTVAAISKPVIAAIDGYAIGVGLQISLC
CDYRLGSEQARLVMPEFRVGIACNFGGFMLEAAAGRTVMQRMLLTCDEWPAERALADGLLHETVASPRLLDRALELARTI
SGYTAEAVQSTRPRVNAPFVAGLERIRREAKESHRRAFAAGEAQVRMRRVIGRS
;
_entity_poly.pdbx_strand_id   A,B,C
#
# COMPACT_ATOMS: atom_id res chain seq x y z
N ILE A 46 7.20 25.61 16.38
CA ILE A 46 7.46 26.94 16.94
C ILE A 46 8.67 26.91 17.89
N GLU A 47 8.48 26.38 19.12
CA GLU A 47 9.55 26.26 20.10
C GLU A 47 10.25 24.92 19.98
N CYS A 48 11.57 24.97 19.78
CA CYS A 48 12.42 23.81 19.68
C CYS A 48 13.33 23.75 20.89
N SER A 49 13.76 22.54 21.26
CA SER A 49 14.58 22.32 22.43
C SER A 49 15.53 21.14 22.29
N ARG A 50 16.83 21.33 22.59
CA ARG A 50 17.79 20.22 22.55
C ARG A 50 17.71 19.47 23.86
N LEU A 51 17.60 18.14 23.76
CA LEU A 51 17.59 17.25 24.92
C LEU A 51 18.96 16.55 25.02
N GLY A 52 19.88 17.03 24.17
CA GLY A 52 21.30 16.69 24.16
C GLY A 52 21.82 15.30 23.90
N ASP A 53 21.02 14.40 23.32
CA ASP A 53 21.52 13.08 22.94
C ASP A 53 21.67 13.08 21.41
N GLY A 54 21.28 14.21 20.84
CA GLY A 54 21.15 14.48 19.41
C GLY A 54 19.68 14.72 19.11
N ILE A 55 18.85 14.77 20.18
CA ILE A 55 17.40 14.94 20.12
C ILE A 55 16.96 16.40 20.21
N ALA A 56 16.13 16.83 19.25
CA ALA A 56 15.53 18.15 19.22
C ALA A 56 14.02 17.94 19.35
N LEU A 57 13.43 18.44 20.44
CA LEU A 57 12.01 18.33 20.69
C LEU A 57 11.34 19.62 20.24
N ALA A 58 10.54 19.54 19.17
CA ALA A 58 9.79 20.66 18.61
C ALA A 58 8.37 20.55 19.18
N GLU A 59 7.84 21.68 19.68
CA GLU A 59 6.54 21.75 20.34
C GLU A 59 5.64 22.78 19.70
N PHE A 60 4.32 22.54 19.72
CA PHE A 60 3.33 23.47 19.17
C PHE A 60 2.86 24.41 20.28
N SER A 61 3.34 25.67 20.23
CA SER A 61 3.03 26.68 21.24
C SER A 61 1.67 27.36 21.06
N GLY A 62 1.17 27.93 22.15
CA GLY A 62 -0.12 28.65 22.21
C GLY A 62 -1.26 27.75 22.66
N PHE A 69 -4.78 26.43 12.48
CA PHE A 69 -3.42 26.55 11.93
C PHE A 69 -3.32 27.64 10.80
N SER A 70 -2.48 28.67 11.08
CA SER A 70 -2.25 29.79 10.16
C SER A 70 -1.07 29.49 9.22
N ARG A 71 -0.76 30.43 8.31
CA ARG A 71 0.31 30.34 7.30
C ARG A 71 1.68 30.67 7.86
N ALA A 72 1.75 31.57 8.86
CA ALA A 72 3.01 31.96 9.52
C ALA A 72 3.52 30.79 10.36
N ARG A 73 2.58 30.05 10.99
CA ARG A 73 2.86 28.85 11.79
C ARG A 73 3.48 27.76 10.91
N MET A 74 2.97 27.60 9.68
CA MET A 74 3.49 26.64 8.70
C MET A 74 4.92 26.99 8.28
N ARG A 75 5.15 28.27 7.93
CA ARG A 75 6.45 28.79 7.49
C ARG A 75 7.52 28.67 8.56
N GLU A 76 7.14 28.90 9.84
CA GLU A 76 8.06 28.79 10.96
C GLU A 76 8.49 27.34 11.16
N LEU A 77 7.52 26.40 11.08
CA LEU A 77 7.75 24.95 11.19
C LEU A 77 8.65 24.46 10.06
N THR A 78 8.39 24.96 8.83
CA THR A 78 9.18 24.69 7.60
C THR A 78 10.63 25.15 7.79
N ALA A 79 10.82 26.41 8.27
CA ALA A 79 12.14 26.99 8.53
C ALA A 79 12.86 26.20 9.62
N LEU A 80 12.14 25.81 10.70
CA LEU A 80 12.71 24.99 11.78
C LEU A 80 13.21 23.65 11.26
N MET A 81 12.38 22.94 10.46
CA MET A 81 12.74 21.67 9.85
C MET A 81 14.03 21.80 9.03
N ARG A 82 14.18 22.94 8.31
CA ARG A 82 15.38 23.20 7.53
C ARG A 82 16.60 23.56 8.41
N GLU A 83 16.37 24.27 9.52
CA GLU A 83 17.42 24.60 10.50
C GLU A 83 17.92 23.31 11.16
N LEU A 84 16.98 22.40 11.51
CA LEU A 84 17.30 21.11 12.13
C LEU A 84 18.05 20.16 11.19
N ASP A 85 17.77 20.20 9.88
CA ASP A 85 18.48 19.38 8.91
C ASP A 85 19.93 19.86 8.72
N ALA A 86 20.16 21.18 8.92
CA ALA A 86 21.47 21.82 8.79
C ALA A 86 22.40 21.53 9.98
N ASP A 87 21.85 21.53 11.22
CA ASP A 87 22.62 21.29 12.45
C ASP A 87 23.08 19.83 12.58
N GLU A 88 24.40 19.58 12.47
CA GLU A 88 24.95 18.23 12.56
C GLU A 88 24.93 17.65 13.99
N LYS A 89 24.65 18.48 15.01
CA LYS A 89 24.53 17.98 16.39
C LYS A 89 23.16 17.28 16.61
N VAL A 90 22.20 17.46 15.67
CA VAL A 90 20.87 16.87 15.68
C VAL A 90 20.86 15.58 14.84
N ARG A 91 20.38 14.47 15.42
CA ARG A 91 20.29 13.18 14.73
C ARG A 91 18.85 12.66 14.64
N CYS A 92 17.95 13.16 15.52
CA CYS A 92 16.53 12.81 15.53
C CYS A 92 15.69 13.98 15.99
N VAL A 93 14.47 14.12 15.41
CA VAL A 93 13.50 15.17 15.71
C VAL A 93 12.23 14.54 16.29
N VAL A 94 11.66 15.16 17.35
CA VAL A 94 10.40 14.73 17.96
C VAL A 94 9.42 15.89 17.90
N LEU A 95 8.34 15.72 17.13
CA LEU A 95 7.23 16.67 17.02
C LEU A 95 6.21 16.25 18.06
N TYR A 96 5.86 17.18 18.95
CA TYR A 96 4.97 16.89 20.07
C TYR A 96 3.91 17.97 20.25
N GLY A 97 2.67 17.52 20.37
CA GLY A 97 1.51 18.39 20.54
C GLY A 97 1.33 18.98 21.91
N GLY A 98 1.85 18.29 22.93
CA GLY A 98 1.74 18.72 24.32
C GLY A 98 1.09 17.65 25.19
N ALA A 99 0.69 18.02 26.42
CA ALA A 99 0.05 17.09 27.37
C ALA A 99 -1.47 17.07 27.19
N GLY A 100 -1.98 15.94 26.68
CA GLY A 100 -3.39 15.68 26.42
C GLY A 100 -4.05 16.66 25.47
N ARG A 101 -3.23 17.30 24.62
CA ARG A 101 -3.64 18.31 23.65
C ARG A 101 -3.59 17.77 22.25
N SER A 102 -4.36 18.41 21.36
CA SER A 102 -4.46 18.07 19.95
C SER A 102 -3.14 18.34 19.24
N PHE A 103 -2.80 17.48 18.27
CA PHE A 103 -1.59 17.58 17.46
C PHE A 103 -1.75 18.70 16.43
N GLY A 104 -0.83 19.67 16.47
CA GLY A 104 -0.82 20.83 15.56
C GLY A 104 -1.70 21.97 16.03
N ASP A 119 -6.96 33.08 -4.55
CA ASP A 119 -5.77 33.91 -4.37
C ASP A 119 -5.20 33.82 -2.94
N GLU A 120 -6.08 33.97 -1.92
CA GLU A 120 -5.69 33.83 -0.51
C GLU A 120 -5.43 32.33 -0.22
N VAL A 121 -6.22 31.46 -0.87
CA VAL A 121 -6.14 30.01 -0.79
C VAL A 121 -4.91 29.46 -1.52
N ASN A 122 -4.52 30.06 -2.65
CA ASN A 122 -3.36 29.66 -3.45
C ASN A 122 -2.05 29.76 -2.67
N ALA A 123 -1.95 30.78 -1.81
CA ALA A 123 -0.78 31.01 -0.96
C ALA A 123 -0.80 30.07 0.25
N TRP A 124 -2.01 29.65 0.70
CA TRP A 124 -2.20 28.68 1.80
C TRP A 124 -1.61 27.35 1.34
N ILE A 125 -2.04 26.86 0.14
CA ILE A 125 -1.60 25.63 -0.50
C ILE A 125 -0.07 25.59 -0.67
N ASP A 126 0.54 26.68 -1.18
CA ASP A 126 2.00 26.77 -1.35
C ASP A 126 2.77 26.60 -0.05
N ASP A 127 2.27 27.16 1.07
CA ASP A 127 2.92 27.02 2.39
C ASP A 127 2.77 25.59 2.93
N ILE A 128 1.55 25.01 2.78
CA ILE A 128 1.16 23.63 3.14
C ILE A 128 2.06 22.64 2.44
N THR A 129 2.19 22.79 1.09
CA THR A 129 3.01 21.95 0.23
C THR A 129 4.46 22.04 0.64
N ASP A 130 4.96 23.27 0.90
CA ASP A 130 6.34 23.51 1.33
C ASP A 130 6.61 22.88 2.69
N LEU A 131 5.61 22.87 3.59
CA LEU A 131 5.72 22.23 4.90
C LEU A 131 5.75 20.70 4.75
N TYR A 132 4.77 20.11 4.01
CA TYR A 132 4.73 18.65 3.82
C TYR A 132 5.96 18.12 3.10
N THR A 133 6.44 18.85 2.07
CA THR A 133 7.63 18.44 1.31
C THR A 133 8.90 18.51 2.14
N THR A 134 9.07 19.55 3.01
CA THR A 134 10.28 19.68 3.82
C THR A 134 10.34 18.60 4.92
N VAL A 135 9.24 18.41 5.70
CA VAL A 135 9.14 17.40 6.76
C VAL A 135 9.53 16.01 6.21
N ALA A 136 9.08 15.68 4.98
CA ALA A 136 9.35 14.41 4.29
C ALA A 136 10.70 14.38 3.54
N ALA A 137 11.24 15.55 3.12
CA ALA A 137 12.51 15.59 2.37
C ALA A 137 13.79 15.77 3.21
N ILE A 138 13.70 16.22 4.48
CA ILE A 138 14.91 16.39 5.32
C ILE A 138 15.60 15.05 5.58
N SER A 139 16.92 15.06 5.81
CA SER A 139 17.70 13.83 6.02
C SER A 139 17.53 13.21 7.43
N LYS A 140 16.99 13.97 8.39
CA LYS A 140 16.79 13.53 9.77
C LYS A 140 15.43 12.84 9.99
N PRO A 141 15.36 11.70 10.73
CA PRO A 141 14.06 11.10 11.02
C PRO A 141 13.25 11.98 11.97
N VAL A 142 11.93 11.98 11.79
CA VAL A 142 11.01 12.78 12.58
C VAL A 142 9.99 11.85 13.23
N ILE A 143 9.81 11.99 14.55
CA ILE A 143 8.85 11.21 15.33
C ILE A 143 7.70 12.11 15.73
N ALA A 144 6.46 11.73 15.41
CA ALA A 144 5.29 12.49 15.83
C ALA A 144 4.72 11.79 17.08
N ALA A 145 4.50 12.55 18.17
CA ALA A 145 3.97 12.04 19.44
C ALA A 145 2.59 12.66 19.66
N ILE A 146 1.55 11.83 19.50
CA ILE A 146 0.13 12.21 19.52
C ILE A 146 -0.56 11.74 20.84
N ASP A 147 -1.04 12.71 21.63
CA ASP A 147 -1.73 12.48 22.93
C ASP A 147 -3.20 12.81 22.88
N GLY A 148 -3.67 13.28 21.73
CA GLY A 148 -5.06 13.63 21.57
C GLY A 148 -5.51 13.54 20.13
N TYR A 149 -6.41 14.42 19.77
CA TYR A 149 -6.93 14.52 18.42
C TYR A 149 -5.87 14.97 17.40
N ALA A 150 -5.87 14.32 16.23
CA ALA A 150 -5.04 14.64 15.06
C ALA A 150 -6.06 14.67 13.92
N ILE A 151 -6.50 15.89 13.57
CA ILE A 151 -7.54 16.19 12.59
C ILE A 151 -6.96 16.98 11.39
N GLY A 152 -7.51 16.73 10.20
CA GLY A 152 -7.14 17.40 8.95
C GLY A 152 -5.66 17.65 8.74
N VAL A 153 -5.28 18.94 8.75
CA VAL A 153 -3.90 19.43 8.57
C VAL A 153 -2.97 18.87 9.67
N GLY A 154 -3.50 18.74 10.89
CA GLY A 154 -2.78 18.18 12.03
C GLY A 154 -2.36 16.75 11.75
N LEU A 155 -3.32 15.92 11.31
CA LEU A 155 -3.08 14.54 10.91
C LEU A 155 -2.13 14.47 9.69
N GLN A 156 -2.31 15.38 8.71
CA GLN A 156 -1.47 15.46 7.50
C GLN A 156 0.03 15.69 7.81
N ILE A 157 0.33 16.54 8.81
CA ILE A 157 1.72 16.79 9.25
C ILE A 157 2.32 15.50 9.81
N SER A 158 1.56 14.79 10.66
CA SER A 158 2.00 13.52 11.27
C SER A 158 2.28 12.46 10.20
N LEU A 159 1.46 12.43 9.12
CA LEU A 159 1.63 11.51 7.99
C LEU A 159 2.91 11.77 7.13
N CYS A 160 3.67 12.84 7.45
CA CYS A 160 4.93 13.17 6.76
C CYS A 160 6.13 12.66 7.58
N CYS A 161 5.89 12.34 8.87
CA CYS A 161 6.88 11.83 9.83
C CYS A 161 7.10 10.32 9.65
N ASP A 162 8.30 9.84 10.02
CA ASP A 162 8.73 8.45 9.90
C ASP A 162 8.15 7.52 10.96
N TYR A 163 7.63 8.06 12.08
CA TYR A 163 7.11 7.24 13.17
C TYR A 163 6.07 8.02 13.94
N ARG A 164 4.84 7.50 13.97
CA ARG A 164 3.75 8.12 14.71
C ARG A 164 3.47 7.30 15.95
N LEU A 165 3.71 7.91 17.10
CA LEU A 165 3.49 7.31 18.41
C LEU A 165 2.24 7.93 19.01
N GLY A 166 1.26 7.07 19.27
CA GLY A 166 -0.01 7.53 19.82
C GLY A 166 -0.26 7.06 21.24
N SER A 167 -0.93 7.91 22.03
CA SER A 167 -1.37 7.55 23.37
C SER A 167 -2.71 6.84 23.13
N GLU A 168 -3.24 6.12 24.11
CA GLU A 168 -4.53 5.47 23.87
C GLU A 168 -5.70 6.50 23.86
N GLN A 169 -5.38 7.80 24.03
CA GLN A 169 -6.30 8.95 23.96
C GLN A 169 -6.28 9.54 22.53
N ALA A 170 -5.32 9.09 21.69
CA ALA A 170 -5.16 9.56 20.32
C ALA A 170 -6.37 9.15 19.48
N ARG A 171 -6.95 10.13 18.78
CA ARG A 171 -8.10 9.95 17.90
C ARG A 171 -7.79 10.63 16.56
N LEU A 172 -7.83 9.86 15.47
CA LEU A 172 -7.45 10.33 14.12
C LEU A 172 -8.70 10.56 13.23
N VAL A 173 -8.79 11.73 12.56
CA VAL A 173 -9.94 12.10 11.74
C VAL A 173 -9.49 12.86 10.51
N MET A 174 -10.21 12.60 9.41
CA MET A 174 -10.08 13.31 8.13
C MET A 174 -11.52 13.76 7.79
N PRO A 175 -12.13 14.72 8.57
CA PRO A 175 -13.51 15.16 8.27
C PRO A 175 -13.73 16.20 7.15
N GLU A 176 -12.69 16.54 6.36
CA GLU A 176 -12.74 17.51 5.25
C GLU A 176 -14.07 17.57 4.48
N PHE A 177 -14.63 16.40 4.10
CA PHE A 177 -15.90 16.31 3.38
C PHE A 177 -17.10 16.79 4.21
N ARG A 178 -17.17 16.36 5.49
CA ARG A 178 -18.23 16.80 6.41
C ARG A 178 -18.18 18.34 6.58
N VAL A 179 -16.96 18.88 6.69
CA VAL A 179 -16.66 20.30 6.82
C VAL A 179 -16.89 21.07 5.50
N GLY A 180 -16.97 20.34 4.39
CA GLY A 180 -17.26 20.91 3.07
C GLY A 180 -16.07 21.42 2.29
N ILE A 181 -14.88 20.91 2.59
CA ILE A 181 -13.65 21.29 1.87
C ILE A 181 -13.02 20.05 1.20
N ALA A 182 -12.22 20.29 0.14
CA ALA A 182 -11.53 19.22 -0.60
C ALA A 182 -10.47 18.46 0.24
N CYS A 183 -10.06 17.26 -0.21
CA CYS A 183 -9.08 16.47 0.53
C CYS A 183 -8.06 15.77 -0.36
N ASN A 184 -7.40 16.54 -1.23
CA ASN A 184 -6.37 16.07 -2.17
C ASN A 184 -5.17 15.52 -1.42
N PHE A 185 -4.66 16.30 -0.45
CA PHE A 185 -3.51 15.94 0.37
C PHE A 185 -3.84 14.78 1.30
N GLY A 186 -4.99 14.85 1.96
CA GLY A 186 -5.46 13.81 2.87
C GLY A 186 -5.60 12.47 2.18
N GLY A 187 -6.19 12.49 0.98
CA GLY A 187 -6.37 11.31 0.15
C GLY A 187 -5.04 10.70 -0.23
N PHE A 188 -4.09 11.53 -0.71
CA PHE A 188 -2.75 11.05 -1.07
C PHE A 188 -1.97 10.48 0.13
N MET A 189 -1.90 11.24 1.23
CA MET A 189 -1.14 10.89 2.42
C MET A 189 -1.67 9.67 3.17
N LEU A 190 -3.00 9.49 3.24
CA LEU A 190 -3.60 8.33 3.92
C LEU A 190 -3.39 7.05 3.14
N GLU A 191 -3.33 7.16 1.81
CA GLU A 191 -3.10 6.05 0.90
C GLU A 191 -1.68 5.53 1.13
N ALA A 192 -0.70 6.44 1.16
CA ALA A 192 0.72 6.13 1.39
C ALA A 192 1.01 5.46 2.72
N ALA A 193 0.33 5.89 3.80
CA ALA A 193 0.55 5.36 5.15
C ALA A 193 -0.27 4.13 5.53
N ALA A 194 -1.56 4.13 5.18
CA ALA A 194 -2.47 3.06 5.59
C ALA A 194 -3.09 2.24 4.47
N GLY A 195 -2.87 2.66 3.22
CA GLY A 195 -3.47 1.99 2.08
C GLY A 195 -4.78 2.62 1.66
N ARG A 196 -5.12 2.40 0.39
CA ARG A 196 -6.29 2.88 -0.33
C ARG A 196 -7.64 2.66 0.39
N THR A 197 -7.89 1.43 0.87
CA THR A 197 -9.11 1.03 1.57
C THR A 197 -9.35 1.88 2.84
N VAL A 198 -8.33 2.00 3.72
CA VAL A 198 -8.41 2.80 4.93
C VAL A 198 -8.59 4.26 4.57
N MET A 199 -7.85 4.75 3.57
CA MET A 199 -8.00 6.12 3.09
C MET A 199 -9.46 6.41 2.73
N GLN A 200 -10.06 5.54 1.88
CA GLN A 200 -11.42 5.64 1.37
C GLN A 200 -12.45 5.56 2.48
N ARG A 201 -12.23 4.67 3.46
CA ARG A 201 -13.11 4.52 4.61
C ARG A 201 -13.10 5.83 5.42
N MET A 202 -11.90 6.41 5.66
CA MET A 202 -11.73 7.66 6.40
C MET A 202 -12.35 8.88 5.75
N LEU A 203 -12.08 9.11 4.45
CA LEU A 203 -12.61 10.27 3.72
C LEU A 203 -14.12 10.25 3.57
N LEU A 204 -14.69 9.07 3.27
CA LEU A 204 -16.12 8.92 2.99
C LEU A 204 -17.02 8.80 4.21
N THR A 205 -16.53 8.27 5.34
CA THR A 205 -17.36 8.13 6.55
C THR A 205 -17.14 9.31 7.51
N CYS A 206 -15.93 9.92 7.45
CA CYS A 206 -15.45 11.00 8.33
C CYS A 206 -15.46 10.59 9.81
N ASP A 207 -15.45 9.27 10.06
CA ASP A 207 -15.41 8.63 11.37
C ASP A 207 -14.04 8.81 11.98
N GLU A 208 -14.00 8.73 13.32
CA GLU A 208 -12.78 8.84 14.09
C GLU A 208 -12.12 7.48 14.20
N TRP A 209 -10.80 7.47 14.18
CA TRP A 209 -10.02 6.26 14.28
C TRP A 209 -9.37 6.21 15.64
N PRO A 210 -9.96 5.46 16.60
CA PRO A 210 -9.31 5.31 17.92
C PRO A 210 -7.95 4.64 17.79
N ALA A 211 -7.09 4.85 18.80
CA ALA A 211 -5.68 4.43 18.84
C ALA A 211 -5.41 2.99 18.40
N GLU A 212 -6.20 2.01 18.90
CA GLU A 212 -6.05 0.55 18.63
C GLU A 212 -6.34 0.17 17.18
N ARG A 213 -7.40 0.78 16.63
CA ARG A 213 -7.80 0.69 15.23
C ARG A 213 -6.76 1.40 14.32
N ALA A 214 -6.29 2.62 14.71
CA ALA A 214 -5.27 3.37 13.96
C ALA A 214 -3.95 2.61 13.82
N LEU A 215 -3.60 1.86 14.88
CA LEU A 215 -2.41 1.02 14.92
C LEU A 215 -2.53 -0.18 13.97
N ALA A 216 -3.69 -0.87 13.98
CA ALA A 216 -3.98 -2.03 13.14
C ALA A 216 -3.90 -1.65 11.64
N ASP A 217 -4.47 -0.48 11.28
CA ASP A 217 -4.55 0.05 9.93
C ASP A 217 -3.27 0.72 9.39
N GLY A 218 -2.28 0.97 10.25
CA GLY A 218 -1.02 1.59 9.84
C GLY A 218 -0.96 3.11 9.97
N LEU A 219 -1.93 3.72 10.64
CA LEU A 219 -1.96 5.16 10.87
C LEU A 219 -1.06 5.55 12.05
N LEU A 220 -0.82 4.61 12.97
CA LEU A 220 0.11 4.73 14.10
C LEU A 220 1.11 3.59 13.97
N HIS A 221 2.38 3.86 14.25
CA HIS A 221 3.45 2.86 14.20
C HIS A 221 3.44 2.11 15.53
N GLU A 222 2.99 2.80 16.59
CA GLU A 222 3.00 2.26 17.95
C GLU A 222 2.02 3.02 18.82
N THR A 223 1.47 2.31 19.82
CA THR A 223 0.59 2.83 20.86
C THR A 223 1.24 2.63 22.23
N VAL A 224 0.95 3.53 23.17
CA VAL A 224 1.40 3.51 24.57
C VAL A 224 0.31 4.13 25.43
N ALA A 225 0.39 3.90 26.75
CA ALA A 225 -0.51 4.51 27.71
C ALA A 225 -0.11 5.99 27.81
N SER A 226 -1.09 6.90 27.94
CA SER A 226 -0.85 8.36 28.06
C SER A 226 0.32 8.75 29.01
N PRO A 227 0.47 8.19 30.26
CA PRO A 227 1.60 8.60 31.13
C PRO A 227 3.02 8.30 30.61
N ARG A 228 3.17 7.41 29.62
CA ARG A 228 4.48 7.02 29.09
C ARG A 228 4.74 7.53 27.64
N LEU A 229 3.83 8.35 27.07
CA LEU A 229 3.93 8.84 25.69
C LEU A 229 5.27 9.55 25.35
N LEU A 230 5.60 10.66 26.05
CA LEU A 230 6.85 11.39 25.81
C LEU A 230 8.09 10.54 26.16
N ASP A 231 8.00 9.71 27.21
CA ASP A 231 9.07 8.79 27.63
C ASP A 231 9.45 7.83 26.51
N ARG A 232 8.44 7.22 25.89
CA ARG A 232 8.62 6.29 24.79
C ARG A 232 9.17 7.06 23.56
N ALA A 233 8.63 8.26 23.30
CA ALA A 233 9.08 9.12 22.19
C ALA A 233 10.57 9.43 22.29
N LEU A 234 11.04 9.82 23.49
CA LEU A 234 12.45 10.15 23.75
C LEU A 234 13.34 8.92 23.83
N GLU A 235 12.80 7.78 24.30
CA GLU A 235 13.54 6.51 24.33
C GLU A 235 13.81 6.07 22.88
N LEU A 236 12.77 6.14 22.02
CA LEU A 236 12.92 5.80 20.60
C LEU A 236 13.84 6.79 19.88
N ALA A 237 13.70 8.10 20.19
CA ALA A 237 14.57 9.15 19.63
C ALA A 237 16.04 8.89 19.97
N ARG A 238 16.30 8.42 21.22
CA ARG A 238 17.61 8.04 21.73
C ARG A 238 18.20 6.86 20.93
N THR A 239 17.36 5.81 20.65
CA THR A 239 17.77 4.65 19.85
C THR A 239 18.16 5.09 18.42
N ILE A 240 17.31 5.90 17.75
CA ILE A 240 17.55 6.43 16.41
C ILE A 240 18.83 7.26 16.40
N SER A 241 18.98 8.15 17.41
CA SER A 241 20.15 9.01 17.58
C SER A 241 21.47 8.21 17.75
N GLY A 242 21.38 7.02 18.32
CA GLY A 242 22.52 6.13 18.53
C GLY A 242 23.04 5.42 17.29
N TYR A 243 22.24 5.39 16.20
CA TYR A 243 22.70 4.76 14.95
C TYR A 243 23.68 5.71 14.24
N THR A 244 24.62 5.15 13.45
CA THR A 244 25.56 5.93 12.64
C THR A 244 24.73 6.91 11.81
N ALA A 245 24.89 8.22 12.05
CA ALA A 245 24.13 9.25 11.35
C ALA A 245 24.16 9.09 9.82
N GLU A 246 25.35 8.84 9.20
CA GLU A 246 25.49 8.64 7.75
C GLU A 246 24.52 7.56 7.23
N ALA A 247 24.42 6.42 7.95
CA ALA A 247 23.55 5.30 7.62
C ALA A 247 22.06 5.70 7.52
N VAL A 248 21.56 6.41 8.55
CA VAL A 248 20.18 6.86 8.65
C VAL A 248 19.89 8.00 7.66
N GLN A 249 20.80 8.98 7.58
CA GLN A 249 20.67 10.20 6.76
C GLN A 249 20.90 9.98 5.26
N SER A 250 21.52 8.85 4.85
CA SER A 250 21.69 8.52 3.43
C SER A 250 20.49 7.65 2.97
N THR A 251 19.60 7.26 3.90
CA THR A 251 18.44 6.40 3.64
C THR A 251 17.12 7.19 3.64
N ARG A 252 16.84 7.90 4.75
CA ARG A 252 15.62 8.69 4.99
C ARG A 252 15.19 9.55 3.78
N PRO A 253 16.08 10.39 3.16
CA PRO A 253 15.62 11.20 2.02
C PRO A 253 15.44 10.45 0.70
N ARG A 254 16.18 9.33 0.48
CA ARG A 254 16.06 8.54 -0.76
C ARG A 254 14.77 7.69 -0.75
N VAL A 255 14.51 7.02 0.38
CA VAL A 255 13.33 6.20 0.62
C VAL A 255 12.02 7.03 0.54
N ASN A 256 12.07 8.32 0.95
CA ASN A 256 10.94 9.24 0.91
C ASN A 256 10.77 10.00 -0.42
N ALA A 257 11.76 9.96 -1.34
CA ALA A 257 11.69 10.66 -2.64
C ALA A 257 10.37 10.42 -3.44
N PRO A 258 9.87 9.17 -3.65
CA PRO A 258 8.56 9.02 -4.34
C PRO A 258 7.41 9.74 -3.62
N PHE A 259 7.40 9.71 -2.26
CA PHE A 259 6.39 10.37 -1.42
C PHE A 259 6.46 11.90 -1.57
N VAL A 260 7.69 12.44 -1.61
CA VAL A 260 7.93 13.88 -1.81
C VAL A 260 7.44 14.30 -3.22
N ALA A 261 7.73 13.48 -4.24
CA ALA A 261 7.31 13.73 -5.64
C ALA A 261 5.78 13.73 -5.76
N GLY A 262 5.14 12.85 -4.98
CA GLY A 262 3.70 12.73 -4.92
C GLY A 262 3.04 13.99 -4.39
N LEU A 263 3.61 14.55 -3.30
CA LEU A 263 3.16 15.78 -2.65
C LEU A 263 3.32 16.98 -3.59
N GLU A 264 4.43 17.02 -4.36
CA GLU A 264 4.72 18.09 -5.33
C GLU A 264 3.71 18.17 -6.48
N ARG A 265 3.20 17.01 -6.95
CA ARG A 265 2.19 16.96 -8.01
C ARG A 265 0.82 17.47 -7.54
N ILE A 266 0.54 17.35 -6.21
CA ILE A 266 -0.73 17.79 -5.59
C ILE A 266 -0.88 19.31 -5.58
N ARG A 267 0.24 20.07 -5.49
CA ARG A 267 0.27 21.54 -5.41
C ARG A 267 -0.79 22.22 -6.31
N ARG A 268 -0.68 22.02 -7.64
CA ARG A 268 -1.60 22.56 -8.63
C ARG A 268 -3.03 22.00 -8.49
N GLU A 269 -3.16 20.69 -8.26
CA GLU A 269 -4.44 20.00 -8.07
C GLU A 269 -5.25 20.53 -6.86
N ALA A 270 -4.59 20.64 -5.69
CA ALA A 270 -5.17 21.13 -4.43
C ALA A 270 -5.69 22.57 -4.57
N LYS A 271 -4.99 23.40 -5.37
CA LYS A 271 -5.35 24.78 -5.66
C LYS A 271 -6.73 24.86 -6.34
N GLU A 272 -6.92 24.10 -7.43
CA GLU A 272 -8.19 24.04 -8.18
C GLU A 272 -9.35 23.55 -7.28
N SER A 273 -9.10 22.51 -6.47
CA SER A 273 -10.08 21.87 -5.59
C SER A 273 -10.59 22.74 -4.42
N HIS A 274 -9.71 23.51 -3.76
CA HIS A 274 -10.10 24.39 -2.65
C HIS A 274 -10.63 25.74 -3.13
N ILE B 46 -27.29 -1.59 -16.27
CA ILE B 46 -28.50 -1.78 -17.06
C ILE B 46 -29.62 -0.92 -16.47
N GLU B 47 -30.28 -1.42 -15.40
CA GLU B 47 -31.34 -0.68 -14.74
C GLU B 47 -30.79 0.29 -13.71
N CYS B 48 -31.04 1.57 -13.96
CA CYS B 48 -30.67 2.65 -13.06
C CYS B 48 -31.93 3.25 -12.45
N SER B 49 -31.83 3.70 -11.20
CA SER B 49 -32.95 4.22 -10.44
C SER B 49 -32.56 5.30 -9.45
N ARG B 50 -33.39 6.33 -9.31
CA ARG B 50 -33.17 7.39 -8.31
C ARG B 50 -33.86 6.97 -7.03
N LEU B 51 -33.26 7.29 -5.88
CA LEU B 51 -33.86 6.96 -4.59
C LEU B 51 -34.07 8.25 -3.82
N GLY B 52 -33.90 9.37 -4.52
CA GLY B 52 -33.96 10.70 -3.94
C GLY B 52 -32.67 10.93 -3.19
N ASP B 53 -32.54 12.09 -2.51
CA ASP B 53 -31.33 12.49 -1.77
C ASP B 53 -30.09 12.36 -2.68
N GLY B 54 -30.27 12.59 -3.99
CA GLY B 54 -29.21 12.48 -4.99
C GLY B 54 -28.50 11.15 -5.08
N ILE B 55 -29.20 10.04 -4.79
CA ILE B 55 -28.64 8.68 -4.83
C ILE B 55 -29.12 7.95 -6.08
N ALA B 56 -28.18 7.42 -6.87
CA ALA B 56 -28.48 6.63 -8.06
C ALA B 56 -28.07 5.17 -7.84
N LEU B 57 -29.06 4.27 -7.81
CA LEU B 57 -28.86 2.84 -7.65
C LEU B 57 -28.84 2.19 -9.03
N ALA B 58 -27.68 1.69 -9.43
CA ALA B 58 -27.48 0.98 -10.69
C ALA B 58 -27.49 -0.51 -10.36
N GLU B 59 -28.14 -1.30 -11.22
CA GLU B 59 -28.29 -2.73 -11.03
C GLU B 59 -27.92 -3.50 -12.31
N PHE B 60 -27.19 -4.61 -12.17
CA PHE B 60 -26.79 -5.47 -13.27
C PHE B 60 -26.56 -6.91 -12.81
N SER B 70 -19.94 -9.76 -21.62
CA SER B 70 -19.81 -9.25 -23.00
C SER B 70 -19.53 -7.73 -23.13
N ARG B 71 -19.00 -7.36 -24.31
CA ARG B 71 -18.58 -6.03 -24.74
C ARG B 71 -19.65 -4.96 -24.74
N ALA B 72 -20.89 -5.30 -25.15
CA ALA B 72 -22.01 -4.35 -25.20
C ALA B 72 -22.48 -3.96 -23.81
N ARG B 73 -22.45 -4.93 -22.87
CA ARG B 73 -22.82 -4.73 -21.48
C ARG B 73 -21.78 -3.80 -20.80
N MET B 74 -20.50 -3.89 -21.24
CA MET B 74 -19.41 -3.03 -20.74
C MET B 74 -19.65 -1.59 -21.20
N ARG B 75 -19.96 -1.40 -22.50
CA ARG B 75 -20.25 -0.10 -23.12
C ARG B 75 -21.48 0.57 -22.50
N GLU B 76 -22.51 -0.22 -22.20
CA GLU B 76 -23.75 0.24 -21.57
C GLU B 76 -23.48 0.82 -20.17
N LEU B 77 -22.61 0.14 -19.39
CA LEU B 77 -22.25 0.57 -18.04
C LEU B 77 -21.35 1.81 -18.09
N THR B 78 -20.42 1.86 -19.06
CA THR B 78 -19.54 3.03 -19.28
C THR B 78 -20.41 4.27 -19.54
N ALA B 79 -21.34 4.17 -20.53
CA ALA B 79 -22.28 5.24 -20.91
C ALA B 79 -23.13 5.71 -19.72
N LEU B 80 -23.66 4.77 -18.91
CA LEU B 80 -24.47 5.07 -17.73
C LEU B 80 -23.68 5.87 -16.70
N MET B 81 -22.42 5.47 -16.45
CA MET B 81 -21.50 6.14 -15.53
C MET B 81 -21.25 7.58 -15.95
N ARG B 82 -21.06 7.81 -17.27
CA ARG B 82 -20.85 9.15 -17.83
C ARG B 82 -22.13 10.01 -17.71
N GLU B 83 -23.31 9.41 -17.95
CA GLU B 83 -24.61 10.06 -17.82
C GLU B 83 -24.79 10.55 -16.37
N LEU B 84 -24.56 9.67 -15.40
CA LEU B 84 -24.66 9.96 -13.97
C LEU B 84 -23.68 11.06 -13.52
N ASP B 85 -22.49 11.13 -14.15
CA ASP B 85 -21.46 12.14 -13.85
C ASP B 85 -21.92 13.55 -14.29
N ALA B 86 -22.58 13.63 -15.46
CA ALA B 86 -23.13 14.86 -16.02
C ALA B 86 -24.40 15.34 -15.30
N ASP B 87 -25.15 14.42 -14.65
CA ASP B 87 -26.39 14.71 -13.94
C ASP B 87 -26.14 15.41 -12.60
N GLU B 88 -26.53 16.69 -12.52
CA GLU B 88 -26.39 17.57 -11.36
C GLU B 88 -27.11 17.07 -10.11
N LYS B 89 -28.18 16.29 -10.30
CA LYS B 89 -28.98 15.75 -9.20
C LYS B 89 -28.35 14.50 -8.56
N VAL B 90 -27.37 13.86 -9.22
CA VAL B 90 -26.69 12.66 -8.69
C VAL B 90 -25.43 13.06 -7.91
N ARG B 91 -25.29 12.57 -6.66
CA ARG B 91 -24.16 12.86 -5.78
C ARG B 91 -23.42 11.61 -5.28
N CYS B 92 -24.05 10.43 -5.43
CA CYS B 92 -23.47 9.14 -5.08
C CYS B 92 -24.12 8.03 -5.89
N VAL B 93 -23.31 7.06 -6.35
CA VAL B 93 -23.78 5.91 -7.14
C VAL B 93 -23.60 4.62 -6.32
N VAL B 94 -24.58 3.72 -6.38
CA VAL B 94 -24.50 2.41 -5.72
C VAL B 94 -24.62 1.36 -6.82
N LEU B 95 -23.53 0.59 -7.05
CA LEU B 95 -23.50 -0.52 -8.00
C LEU B 95 -23.92 -1.73 -7.18
N TYR B 96 -25.01 -2.36 -7.58
CA TYR B 96 -25.60 -3.48 -6.86
C TYR B 96 -25.76 -4.66 -7.78
N GLY B 97 -25.23 -5.81 -7.35
CA GLY B 97 -25.32 -7.05 -8.11
C GLY B 97 -26.68 -7.71 -7.99
N GLY B 98 -27.43 -7.31 -6.97
CA GLY B 98 -28.74 -7.84 -6.66
C GLY B 98 -28.65 -8.82 -5.52
N ALA B 99 -29.76 -9.02 -4.79
CA ALA B 99 -29.79 -9.96 -3.66
C ALA B 99 -29.41 -11.38 -4.09
N GLY B 100 -28.43 -11.94 -3.39
CA GLY B 100 -27.92 -13.30 -3.60
C GLY B 100 -27.27 -13.62 -4.95
N ARG B 101 -26.98 -12.63 -5.78
CA ARG B 101 -26.38 -12.85 -7.10
C ARG B 101 -24.91 -12.40 -7.20
N SER B 102 -24.24 -12.81 -8.29
CA SER B 102 -22.86 -12.45 -8.64
C SER B 102 -22.77 -10.93 -8.90
N PHE B 103 -21.56 -10.38 -8.87
CA PHE B 103 -21.34 -8.97 -9.13
C PHE B 103 -20.74 -8.78 -10.53
N VAL B 121 -10.38 -8.30 -29.96
CA VAL B 121 -9.26 -8.57 -29.05
C VAL B 121 -8.66 -7.23 -28.55
N ASN B 122 -8.18 -6.38 -29.48
CA ASN B 122 -7.64 -5.05 -29.16
C ASN B 122 -8.78 -4.11 -28.80
N ALA B 123 -9.96 -4.46 -29.30
CA ALA B 123 -11.19 -3.74 -29.07
C ALA B 123 -11.85 -4.17 -27.73
N TRP B 124 -11.58 -5.43 -27.27
CA TRP B 124 -12.01 -5.94 -25.95
C TRP B 124 -11.24 -5.15 -24.86
N ILE B 125 -9.90 -5.01 -25.05
CA ILE B 125 -8.97 -4.28 -24.19
C ILE B 125 -9.47 -2.83 -24.04
N ASP B 126 -9.82 -2.20 -25.17
CA ASP B 126 -10.33 -0.83 -25.21
C ASP B 126 -11.62 -0.63 -24.39
N ASP B 127 -12.63 -1.50 -24.59
CA ASP B 127 -13.90 -1.45 -23.87
C ASP B 127 -13.74 -1.79 -22.39
N ILE B 128 -12.83 -2.72 -22.05
CA ILE B 128 -12.57 -3.07 -20.66
C ILE B 128 -11.85 -1.89 -19.93
N THR B 129 -10.87 -1.25 -20.60
CA THR B 129 -10.15 -0.09 -20.08
C THR B 129 -11.07 1.10 -19.93
N ASP B 130 -11.89 1.38 -20.96
CA ASP B 130 -12.86 2.48 -20.94
C ASP B 130 -13.79 2.38 -19.76
N LEU B 131 -14.24 1.15 -19.42
CA LEU B 131 -15.13 0.91 -18.28
C LEU B 131 -14.41 1.16 -16.95
N TYR B 132 -13.24 0.50 -16.75
CA TYR B 132 -12.44 0.62 -15.54
C TYR B 132 -12.04 2.08 -15.24
N THR B 133 -11.52 2.79 -16.28
CA THR B 133 -11.13 4.20 -16.18
C THR B 133 -12.32 5.13 -15.95
N THR B 134 -13.52 4.80 -16.50
CA THR B 134 -14.73 5.62 -16.28
C THR B 134 -15.22 5.48 -14.84
N VAL B 135 -15.32 4.23 -14.32
CA VAL B 135 -15.76 3.99 -12.94
C VAL B 135 -14.84 4.71 -11.94
N ALA B 136 -13.53 4.73 -12.19
CA ALA B 136 -12.55 5.39 -11.33
C ALA B 136 -12.37 6.91 -11.57
N ALA B 137 -12.59 7.40 -12.80
CA ALA B 137 -12.37 8.81 -13.14
C ALA B 137 -13.57 9.75 -12.95
N ILE B 138 -14.82 9.24 -12.90
CA ILE B 138 -15.99 10.12 -12.70
C ILE B 138 -15.91 10.88 -11.35
N SER B 139 -16.50 12.07 -11.27
CA SER B 139 -16.44 12.92 -10.09
C SER B 139 -17.31 12.41 -8.93
N LYS B 140 -18.29 11.55 -9.22
CA LYS B 140 -19.19 11.02 -8.20
C LYS B 140 -18.63 9.76 -7.53
N PRO B 141 -18.70 9.64 -6.19
CA PRO B 141 -18.27 8.40 -5.54
C PRO B 141 -19.15 7.21 -5.92
N VAL B 142 -18.54 6.02 -6.01
CA VAL B 142 -19.24 4.79 -6.37
C VAL B 142 -19.06 3.76 -5.25
N ILE B 143 -20.18 3.27 -4.72
CA ILE B 143 -20.24 2.23 -3.69
C ILE B 143 -20.59 0.94 -4.40
N ALA B 144 -19.84 -0.14 -4.16
CA ALA B 144 -20.15 -1.46 -4.72
C ALA B 144 -20.76 -2.31 -3.59
N ALA B 145 -21.99 -2.78 -3.79
CA ALA B 145 -22.71 -3.63 -2.83
C ALA B 145 -22.65 -5.06 -3.36
N ILE B 146 -21.88 -5.93 -2.69
CA ILE B 146 -21.60 -7.31 -3.10
C ILE B 146 -22.30 -8.32 -2.18
N ASP B 147 -23.27 -9.08 -2.73
CA ASP B 147 -24.04 -10.07 -1.97
C ASP B 147 -23.70 -11.50 -2.35
N GLY B 148 -22.81 -11.66 -3.31
CA GLY B 148 -22.40 -12.98 -3.77
C GLY B 148 -20.99 -12.98 -4.32
N TYR B 149 -20.75 -13.83 -5.32
CA TYR B 149 -19.46 -13.96 -5.97
C TYR B 149 -19.09 -12.70 -6.75
N ALA B 150 -17.78 -12.39 -6.76
CA ALA B 150 -17.17 -11.30 -7.53
C ALA B 150 -15.87 -11.91 -8.05
N ILE B 151 -15.91 -12.41 -9.29
CA ILE B 151 -14.85 -13.14 -9.97
C ILE B 151 -14.36 -12.33 -11.17
N GLY B 152 -13.05 -12.38 -11.40
CA GLY B 152 -12.37 -11.75 -12.52
C GLY B 152 -12.81 -10.33 -12.82
N VAL B 153 -13.41 -10.12 -14.01
CA VAL B 153 -13.94 -8.84 -14.48
C VAL B 153 -14.89 -8.23 -13.46
N GLY B 154 -15.74 -9.06 -12.85
CA GLY B 154 -16.70 -8.67 -11.83
C GLY B 154 -16.05 -8.09 -10.58
N LEU B 155 -14.97 -8.74 -10.12
CA LEU B 155 -14.14 -8.28 -9.00
C LEU B 155 -13.44 -6.97 -9.41
N GLN B 156 -12.81 -6.96 -10.59
CA GLN B 156 -12.10 -5.81 -11.16
C GLN B 156 -12.96 -4.53 -11.23
N ILE B 157 -14.26 -4.64 -11.61
CA ILE B 157 -15.18 -3.49 -11.63
C ILE B 157 -15.29 -2.90 -10.21
N SER B 158 -15.52 -3.76 -9.19
CA SER B 158 -15.64 -3.32 -7.80
C SER B 158 -14.33 -2.67 -7.26
N LEU B 159 -13.17 -3.07 -7.82
CA LEU B 159 -11.87 -2.53 -7.45
C LEU B 159 -11.67 -1.08 -7.96
N CYS B 160 -12.57 -0.59 -8.85
CA CYS B 160 -12.58 0.78 -9.39
C CYS B 160 -13.47 1.67 -8.54
N CYS B 161 -14.31 1.05 -7.71
CA CYS B 161 -15.26 1.71 -6.80
C CYS B 161 -14.51 2.18 -5.55
N ASP B 162 -15.02 3.23 -4.90
CA ASP B 162 -14.39 3.81 -3.72
C ASP B 162 -14.75 3.10 -2.44
N TYR B 163 -15.85 2.35 -2.44
CA TYR B 163 -16.28 1.70 -1.22
C TYR B 163 -16.97 0.39 -1.53
N ARG B 164 -16.33 -0.73 -1.15
CA ARG B 164 -16.87 -2.04 -1.38
C ARG B 164 -17.46 -2.59 -0.11
N LEU B 165 -18.78 -2.76 -0.11
CA LEU B 165 -19.54 -3.28 1.00
C LEU B 165 -20.02 -4.69 0.64
N GLY B 166 -19.56 -5.67 1.40
CA GLY B 166 -19.93 -7.06 1.17
C GLY B 166 -20.77 -7.63 2.29
N SER B 167 -21.59 -8.64 1.99
CA SER B 167 -22.38 -9.34 3.01
C SER B 167 -21.55 -10.55 3.46
N GLU B 168 -21.99 -11.33 4.47
CA GLU B 168 -21.21 -12.49 4.91
C GLU B 168 -21.08 -13.57 3.81
N GLN B 169 -21.90 -13.48 2.75
CA GLN B 169 -21.84 -14.44 1.65
C GLN B 169 -21.10 -13.91 0.41
N ALA B 170 -20.38 -12.76 0.53
CA ALA B 170 -19.56 -12.24 -0.57
C ALA B 170 -18.31 -13.12 -0.66
N ARG B 171 -17.92 -13.50 -1.87
CA ARG B 171 -16.75 -14.35 -2.12
C ARG B 171 -16.00 -13.73 -3.28
N LEU B 172 -14.71 -13.42 -3.06
CA LEU B 172 -13.87 -12.73 -4.04
C LEU B 172 -12.83 -13.68 -4.64
N VAL B 173 -12.76 -13.76 -5.98
CA VAL B 173 -11.83 -14.67 -6.69
C VAL B 173 -11.21 -13.98 -7.90
N MET B 174 -9.91 -14.24 -8.14
CA MET B 174 -9.15 -13.76 -9.31
C MET B 174 -8.47 -15.02 -9.86
N PRO B 175 -9.26 -15.91 -10.53
CA PRO B 175 -8.72 -17.22 -10.94
C PRO B 175 -8.21 -17.30 -12.38
N GLU B 176 -7.87 -16.13 -12.99
CA GLU B 176 -7.36 -15.99 -14.37
C GLU B 176 -6.32 -17.03 -14.78
N PHE B 177 -5.36 -17.37 -13.88
CA PHE B 177 -4.30 -18.35 -14.13
C PHE B 177 -4.84 -19.78 -14.26
N ARG B 178 -5.76 -20.20 -13.35
CA ARG B 178 -6.42 -21.52 -13.40
C ARG B 178 -7.28 -21.66 -14.67
N VAL B 179 -7.87 -20.54 -15.12
CA VAL B 179 -8.68 -20.42 -16.33
C VAL B 179 -7.77 -20.42 -17.60
N GLY B 180 -6.49 -20.08 -17.43
CA GLY B 180 -5.49 -20.11 -18.49
C GLY B 180 -5.17 -18.81 -19.21
N ILE B 181 -5.61 -17.67 -18.66
CA ILE B 181 -5.40 -16.33 -19.25
C ILE B 181 -4.56 -15.40 -18.35
N ALA B 182 -3.91 -14.39 -18.96
CA ALA B 182 -3.09 -13.40 -18.26
C ALA B 182 -3.93 -12.56 -17.27
N CYS B 183 -3.28 -11.94 -16.28
CA CYS B 183 -3.98 -11.16 -15.26
C CYS B 183 -3.25 -9.84 -15.00
N ASN B 184 -3.02 -9.09 -16.08
CA ASN B 184 -2.33 -7.81 -16.02
C ASN B 184 -3.18 -6.71 -15.42
N PHE B 185 -4.48 -6.67 -15.75
CA PHE B 185 -5.42 -5.71 -15.15
C PHE B 185 -5.66 -6.11 -13.69
N GLY B 186 -5.96 -7.40 -13.45
CA GLY B 186 -6.19 -7.96 -12.13
C GLY B 186 -5.02 -7.75 -11.18
N GLY B 187 -3.83 -8.03 -11.68
CA GLY B 187 -2.59 -7.86 -10.93
C GLY B 187 -2.38 -6.44 -10.47
N PHE B 188 -2.58 -5.46 -11.37
CA PHE B 188 -2.41 -4.04 -11.06
C PHE B 188 -3.45 -3.55 -10.07
N MET B 189 -4.72 -3.83 -10.35
CA MET B 189 -5.87 -3.38 -9.55
C MET B 189 -5.88 -3.96 -8.15
N LEU B 190 -5.51 -5.25 -8.00
CA LEU B 190 -5.41 -5.93 -6.70
C LEU B 190 -4.27 -5.33 -5.87
N GLU B 191 -3.14 -5.02 -6.52
CA GLU B 191 -1.98 -4.40 -5.86
C GLU B 191 -2.33 -2.99 -5.37
N ALA B 192 -3.06 -2.20 -6.20
CA ALA B 192 -3.46 -0.83 -5.84
C ALA B 192 -4.43 -0.80 -4.67
N ALA B 193 -5.37 -1.77 -4.63
CA ALA B 193 -6.39 -1.90 -3.58
C ALA B 193 -5.97 -2.61 -2.28
N ALA B 194 -5.14 -3.62 -2.35
CA ALA B 194 -4.79 -4.40 -1.15
C ALA B 194 -3.30 -4.70 -0.95
N GLY B 195 -2.44 -4.22 -1.85
CA GLY B 195 -1.00 -4.44 -1.79
C GLY B 195 -0.52 -5.62 -2.62
N ARG B 196 0.79 -5.67 -2.88
CA ARG B 196 1.49 -6.71 -3.65
C ARG B 196 1.28 -8.12 -3.11
N THR B 197 1.36 -8.30 -1.79
CA THR B 197 1.24 -9.60 -1.11
C THR B 197 -0.12 -10.25 -1.34
N VAL B 198 -1.20 -9.51 -1.03
CA VAL B 198 -2.59 -9.98 -1.24
C VAL B 198 -2.79 -10.35 -2.70
N MET B 199 -2.26 -9.51 -3.60
CA MET B 199 -2.28 -9.68 -5.05
C MET B 199 -1.63 -11.03 -5.44
N GLN B 200 -0.43 -11.32 -4.89
CA GLN B 200 0.31 -12.55 -5.14
C GLN B 200 -0.42 -13.75 -4.54
N ARG B 201 -1.02 -13.60 -3.34
CA ARG B 201 -1.79 -14.69 -2.73
C ARG B 201 -2.96 -15.08 -3.67
N MET B 202 -3.75 -14.07 -4.10
CA MET B 202 -4.91 -14.25 -4.96
C MET B 202 -4.62 -14.83 -6.35
N LEU B 203 -3.62 -14.30 -7.07
CA LEU B 203 -3.25 -14.75 -8.41
C LEU B 203 -2.67 -16.16 -8.43
N LEU B 204 -1.66 -16.42 -7.57
CA LEU B 204 -0.96 -17.70 -7.55
C LEU B 204 -1.74 -18.85 -6.95
N THR B 205 -2.61 -18.61 -5.95
CA THR B 205 -3.37 -19.73 -5.35
C THR B 205 -4.72 -19.96 -6.03
N CYS B 206 -5.29 -18.90 -6.63
CA CYS B 206 -6.62 -18.89 -7.27
C CYS B 206 -7.74 -19.25 -6.29
N ASP B 207 -7.46 -19.17 -4.98
CA ASP B 207 -8.40 -19.46 -3.90
C ASP B 207 -9.47 -18.38 -3.77
N GLU B 208 -10.54 -18.73 -3.06
CA GLU B 208 -11.66 -17.84 -2.78
C GLU B 208 -11.38 -17.07 -1.48
N TRP B 209 -11.76 -15.79 -1.48
CA TRP B 209 -11.63 -14.91 -0.33
C TRP B 209 -13.02 -14.67 0.24
N PRO B 210 -13.42 -15.38 1.32
CA PRO B 210 -14.74 -15.08 1.91
C PRO B 210 -14.75 -13.70 2.58
N ALA B 211 -15.94 -13.18 2.89
CA ALA B 211 -16.18 -11.85 3.44
C ALA B 211 -15.22 -11.36 4.51
N GLU B 212 -14.97 -12.17 5.56
CA GLU B 212 -14.12 -11.76 6.68
C GLU B 212 -12.62 -11.74 6.34
N ARG B 213 -12.17 -12.65 5.47
CA ARG B 213 -10.80 -12.72 4.99
C ARG B 213 -10.52 -11.51 4.05
N ALA B 214 -11.52 -11.13 3.24
CA ALA B 214 -11.45 -9.99 2.31
C ALA B 214 -11.42 -8.67 3.08
N LEU B 215 -12.17 -8.60 4.20
CA LEU B 215 -12.18 -7.41 5.07
C LEU B 215 -10.77 -7.24 5.70
N ALA B 216 -10.20 -8.33 6.23
CA ALA B 216 -8.88 -8.36 6.87
C ALA B 216 -7.73 -8.05 5.90
N ASP B 217 -7.96 -8.27 4.59
CA ASP B 217 -6.98 -8.03 3.53
C ASP B 217 -7.22 -6.70 2.77
N GLY B 218 -8.27 -5.95 3.11
CA GLY B 218 -8.57 -4.68 2.46
C GLY B 218 -9.30 -4.77 1.12
N LEU B 219 -9.81 -5.95 0.78
CA LEU B 219 -10.57 -6.19 -0.46
C LEU B 219 -12.03 -5.79 -0.30
N LEU B 220 -12.46 -5.70 0.95
CA LEU B 220 -13.77 -5.20 1.32
C LEU B 220 -13.56 -4.09 2.35
N HIS B 221 -14.28 -2.98 2.19
CA HIS B 221 -14.22 -1.84 3.10
C HIS B 221 -14.99 -2.13 4.39
N GLU B 222 -16.07 -2.92 4.27
CA GLU B 222 -17.02 -3.21 5.37
C GLU B 222 -17.84 -4.47 5.03
N THR B 223 -18.23 -5.21 6.08
CA THR B 223 -19.12 -6.38 6.01
C THR B 223 -20.34 -6.13 6.89
N VAL B 224 -21.50 -6.59 6.42
CA VAL B 224 -22.79 -6.50 7.12
C VAL B 224 -23.54 -7.79 6.82
N ALA B 225 -24.51 -8.17 7.67
CA ALA B 225 -25.34 -9.36 7.41
C ALA B 225 -26.18 -9.04 6.16
N SER B 226 -26.36 -10.02 5.25
CA SER B 226 -27.12 -9.82 3.99
C SER B 226 -28.53 -9.16 4.16
N PRO B 227 -29.35 -9.42 5.22
CA PRO B 227 -30.63 -8.69 5.34
C PRO B 227 -30.53 -7.15 5.34
N ARG B 228 -29.41 -6.59 5.82
CA ARG B 228 -29.24 -5.14 5.86
C ARG B 228 -28.16 -4.64 4.87
N LEU B 229 -27.76 -5.46 3.87
CA LEU B 229 -26.76 -5.06 2.87
C LEU B 229 -27.17 -3.80 2.07
N LEU B 230 -28.35 -3.83 1.40
CA LEU B 230 -28.77 -2.68 0.61
C LEU B 230 -29.09 -1.48 1.50
N ASP B 231 -29.64 -1.74 2.70
CA ASP B 231 -29.95 -0.73 3.72
C ASP B 231 -28.72 0.08 4.12
N ARG B 232 -27.61 -0.64 4.37
CA ARG B 232 -26.34 -0.07 4.78
C ARG B 232 -25.68 0.71 3.63
N ALA B 233 -25.74 0.16 2.39
CA ALA B 233 -25.24 0.82 1.18
C ALA B 233 -25.93 2.18 0.93
N LEU B 234 -27.23 2.26 1.24
CA LEU B 234 -28.02 3.49 1.12
C LEU B 234 -27.77 4.46 2.25
N GLU B 235 -27.60 3.94 3.48
CA GLU B 235 -27.26 4.70 4.67
C GLU B 235 -25.97 5.50 4.39
N LEU B 236 -24.95 4.81 3.85
CA LEU B 236 -23.67 5.40 3.47
C LEU B 236 -23.82 6.36 2.27
N ALA B 237 -24.62 5.97 1.23
CA ALA B 237 -24.89 6.81 0.05
C ALA B 237 -25.51 8.14 0.46
N ARG B 238 -26.38 8.13 1.48
CA ARG B 238 -27.04 9.32 2.04
C ARG B 238 -26.00 10.21 2.73
N THR B 239 -25.09 9.60 3.53
CA THR B 239 -24.00 10.30 4.23
C THR B 239 -23.08 11.00 3.21
N ILE B 240 -22.70 10.28 2.14
CA ILE B 240 -21.84 10.79 1.08
C ILE B 240 -22.55 11.96 0.37
N SER B 241 -23.86 11.78 0.08
CA SER B 241 -24.69 12.77 -0.58
C SER B 241 -24.91 14.06 0.21
N GLY B 242 -24.96 13.92 1.55
CA GLY B 242 -25.13 15.03 2.47
C GLY B 242 -23.95 16.00 2.55
N TYR B 243 -22.79 15.60 1.99
CA TYR B 243 -21.59 16.42 1.95
C TYR B 243 -21.71 17.40 0.80
N THR B 244 -21.01 18.55 0.91
CA THR B 244 -20.94 19.57 -0.14
C THR B 244 -20.36 18.88 -1.36
N ALA B 245 -21.15 18.85 -2.46
CA ALA B 245 -20.80 18.19 -3.72
C ALA B 245 -19.46 18.62 -4.30
N GLU B 246 -19.15 19.93 -4.31
CA GLU B 246 -17.89 20.47 -4.88
C GLU B 246 -16.66 19.97 -4.18
N ALA B 247 -16.74 19.75 -2.85
CA ALA B 247 -15.66 19.22 -2.03
C ALA B 247 -15.34 17.78 -2.44
N VAL B 248 -16.40 16.95 -2.58
CA VAL B 248 -16.32 15.52 -2.94
C VAL B 248 -15.91 15.32 -4.38
N GLN B 249 -16.63 15.99 -5.30
CA GLN B 249 -16.46 15.89 -6.75
C GLN B 249 -15.14 16.48 -7.26
N SER B 250 -14.54 17.44 -6.53
CA SER B 250 -13.24 17.97 -6.98
C SER B 250 -12.08 17.12 -6.42
N THR B 251 -12.35 16.28 -5.41
CA THR B 251 -11.34 15.40 -4.77
C THR B 251 -11.20 14.03 -5.45
N ARG B 252 -12.32 13.34 -5.65
CA ARG B 252 -12.39 11.98 -6.22
C ARG B 252 -11.58 11.77 -7.52
N PRO B 253 -11.72 12.55 -8.62
CA PRO B 253 -10.87 12.31 -9.81
C PRO B 253 -9.37 12.55 -9.58
N ARG B 254 -9.02 13.47 -8.65
CA ARG B 254 -7.63 13.79 -8.32
C ARG B 254 -6.94 12.66 -7.56
N VAL B 255 -7.59 12.15 -6.49
CA VAL B 255 -7.12 11.07 -5.64
C VAL B 255 -6.99 9.77 -6.45
N ASN B 256 -7.87 9.60 -7.47
CA ASN B 256 -7.89 8.43 -8.34
C ASN B 256 -7.03 8.53 -9.59
N ALA B 257 -6.43 9.72 -9.89
CA ALA B 257 -5.60 9.91 -11.09
C ALA B 257 -4.40 8.92 -11.22
N PRO B 258 -3.60 8.61 -10.15
CA PRO B 258 -2.53 7.61 -10.32
C PRO B 258 -3.06 6.22 -10.66
N PHE B 259 -4.21 5.84 -10.09
CA PHE B 259 -4.88 4.57 -10.38
C PHE B 259 -5.31 4.53 -11.86
N VAL B 260 -5.96 5.62 -12.36
CA VAL B 260 -6.41 5.79 -13.76
C VAL B 260 -5.22 5.73 -14.74
N ALA B 261 -4.10 6.42 -14.40
CA ALA B 261 -2.86 6.43 -15.19
C ALA B 261 -2.26 5.03 -15.33
N GLY B 262 -2.35 4.23 -14.26
CA GLY B 262 -1.87 2.85 -14.25
C GLY B 262 -2.65 1.98 -15.20
N LEU B 263 -3.99 2.13 -15.21
CA LEU B 263 -4.89 1.40 -16.11
C LEU B 263 -4.59 1.75 -17.56
N GLU B 264 -4.39 3.05 -17.88
CA GLU B 264 -4.04 3.53 -19.22
C GLU B 264 -2.70 2.96 -19.68
N ARG B 265 -1.71 2.83 -18.75
CA ARG B 265 -0.41 2.23 -19.05
C ARG B 265 -0.61 0.77 -19.48
N ILE B 266 -1.48 0.02 -18.78
CA ILE B 266 -1.77 -1.39 -19.05
C ILE B 266 -2.50 -1.56 -20.38
N ARG B 267 -3.44 -0.66 -20.73
CA ARG B 267 -4.12 -0.72 -22.04
C ARG B 267 -3.06 -0.73 -23.16
N ARG B 268 -2.12 0.23 -23.12
CA ARG B 268 -1.04 0.35 -24.09
C ARG B 268 -0.15 -0.90 -24.09
N GLU B 269 0.34 -1.32 -22.91
CA GLU B 269 1.22 -2.49 -22.79
C GLU B 269 0.55 -3.81 -23.20
N ALA B 270 -0.78 -3.91 -23.09
CA ALA B 270 -1.53 -5.11 -23.50
C ALA B 270 -1.59 -5.19 -25.03
N LYS B 271 -1.89 -4.07 -25.69
CA LYS B 271 -1.94 -3.96 -27.16
C LYS B 271 -0.54 -4.09 -27.74
N GLU B 272 0.45 -3.46 -27.08
CA GLU B 272 1.89 -3.46 -27.42
C GLU B 272 2.48 -4.88 -27.43
N SER B 273 1.94 -5.80 -26.59
CA SER B 273 2.42 -7.19 -26.50
C SER B 273 1.82 -8.12 -27.59
N HIS B 274 0.60 -7.83 -28.07
CA HIS B 274 -0.06 -8.62 -29.11
C HIS B 274 0.19 -8.03 -30.50
N ILE C 46 25.61 -23.81 -4.38
CA ILE C 46 24.18 -23.74 -4.65
C ILE C 46 23.78 -24.90 -5.54
N GLU C 47 23.11 -25.90 -4.95
CA GLU C 47 22.70 -27.11 -5.64
C GLU C 47 21.26 -27.06 -6.12
N CYS C 48 21.07 -26.82 -7.43
CA CYS C 48 19.76 -26.85 -8.07
C CYS C 48 19.43 -28.31 -8.42
N SER C 49 18.14 -28.64 -8.52
CA SER C 49 17.67 -30.00 -8.84
C SER C 49 16.22 -30.04 -9.32
N ARG C 50 16.03 -30.35 -10.62
CA ARG C 50 14.72 -30.48 -11.25
C ARG C 50 14.03 -31.70 -10.67
N LEU C 51 12.85 -31.48 -10.07
CA LEU C 51 12.05 -32.56 -9.46
C LEU C 51 10.94 -33.03 -10.41
N GLY C 52 10.92 -32.45 -11.60
CA GLY C 52 9.90 -32.72 -12.61
C GLY C 52 8.67 -31.87 -12.35
N ASP C 53 7.64 -32.03 -13.22
CA ASP C 53 6.37 -31.28 -13.18
C ASP C 53 6.62 -29.77 -13.39
N GLY C 54 7.82 -29.41 -13.86
CA GLY C 54 8.24 -28.03 -14.10
C GLY C 54 8.82 -27.32 -12.89
N ILE C 55 9.19 -28.06 -11.85
CA ILE C 55 9.75 -27.49 -10.62
C ILE C 55 11.28 -27.52 -10.64
N ALA C 56 11.88 -26.45 -10.13
CA ALA C 56 13.31 -26.30 -9.95
C ALA C 56 13.54 -25.89 -8.50
N LEU C 57 14.12 -26.80 -7.69
CA LEU C 57 14.41 -26.57 -6.28
C LEU C 57 15.88 -26.20 -6.09
N ALA C 58 16.12 -24.97 -5.66
CA ALA C 58 17.45 -24.46 -5.40
C ALA C 58 17.66 -24.37 -3.89
N GLU C 59 18.44 -25.30 -3.36
CA GLU C 59 18.79 -25.35 -1.94
C GLU C 59 20.11 -24.57 -1.78
N PHE C 60 20.19 -23.68 -0.78
CA PHE C 60 21.37 -22.86 -0.56
C PHE C 60 22.59 -23.68 -0.08
N SER C 70 29.52 -15.05 0.55
CA SER C 70 28.73 -14.36 -0.47
C SER C 70 29.57 -13.91 -1.66
N ARG C 71 29.01 -13.04 -2.55
CA ARG C 71 29.60 -12.42 -3.74
C ARG C 71 29.70 -13.40 -4.92
N ALA C 72 30.34 -14.56 -4.73
CA ALA C 72 30.43 -15.60 -5.75
C ALA C 72 29.10 -16.34 -5.72
N ARG C 73 28.55 -16.56 -4.50
CA ARG C 73 27.24 -17.19 -4.25
C ARG C 73 26.13 -16.31 -4.85
N MET C 74 26.35 -14.98 -4.85
CA MET C 74 25.47 -13.97 -5.45
C MET C 74 25.39 -14.23 -6.96
N ARG C 75 26.54 -14.06 -7.66
CA ARG C 75 26.71 -14.24 -9.10
C ARG C 75 26.32 -15.65 -9.59
N GLU C 76 26.57 -16.70 -8.78
CA GLU C 76 26.18 -18.07 -9.12
C GLU C 76 24.66 -18.15 -9.21
N LEU C 77 23.96 -17.58 -8.19
CA LEU C 77 22.50 -17.54 -8.12
C LEU C 77 21.91 -16.71 -9.26
N THR C 78 22.54 -15.57 -9.61
CA THR C 78 22.12 -14.69 -10.72
C THR C 78 22.13 -15.45 -12.06
N ALA C 79 23.16 -16.28 -12.27
CA ALA C 79 23.34 -17.10 -13.47
C ALA C 79 22.37 -18.28 -13.51
N LEU C 80 22.12 -18.90 -12.34
CA LEU C 80 21.20 -20.04 -12.19
C LEU C 80 19.76 -19.62 -12.46
N MET C 81 19.39 -18.39 -12.05
CA MET C 81 18.04 -17.86 -12.27
C MET C 81 17.79 -17.64 -13.76
N ARG C 82 18.83 -17.20 -14.52
CA ARG C 82 18.77 -16.98 -15.97
C ARG C 82 18.70 -18.32 -16.72
N GLU C 83 19.46 -19.32 -16.23
CA GLU C 83 19.48 -20.69 -16.75
C GLU C 83 18.09 -21.32 -16.59
N LEU C 84 17.45 -21.06 -15.44
CA LEU C 84 16.11 -21.56 -15.15
C LEU C 84 15.05 -20.79 -15.94
N ASP C 85 15.32 -19.50 -16.26
CA ASP C 85 14.41 -18.68 -17.05
C ASP C 85 14.41 -19.05 -18.53
N ALA C 86 15.58 -19.45 -19.05
CA ALA C 86 15.77 -19.85 -20.45
C ALA C 86 15.24 -21.26 -20.74
N ASP C 87 15.21 -22.13 -19.70
CA ASP C 87 14.78 -23.53 -19.79
C ASP C 87 13.25 -23.70 -19.88
N GLU C 88 12.78 -24.20 -21.05
CA GLU C 88 11.37 -24.48 -21.39
C GLU C 88 10.67 -25.47 -20.43
N LYS C 89 11.42 -26.47 -19.94
CA LYS C 89 10.89 -27.50 -19.05
C LYS C 89 10.50 -26.96 -17.64
N VAL C 90 11.19 -25.92 -17.14
CA VAL C 90 10.96 -25.32 -15.82
C VAL C 90 9.79 -24.31 -15.87
N ARG C 91 8.86 -24.34 -14.90
CA ARG C 91 7.76 -23.38 -14.90
C ARG C 91 7.59 -22.64 -13.57
N CYS C 92 8.34 -23.09 -12.56
CA CYS C 92 8.33 -22.55 -11.22
C CYS C 92 9.63 -22.86 -10.47
N VAL C 93 10.18 -21.85 -9.80
CA VAL C 93 11.40 -21.97 -9.00
C VAL C 93 11.04 -21.95 -7.50
N VAL C 94 11.79 -22.71 -6.69
CA VAL C 94 11.65 -22.79 -5.23
C VAL C 94 13.05 -22.59 -4.61
N LEU C 95 13.17 -21.60 -3.72
CA LEU C 95 14.40 -21.24 -3.02
C LEU C 95 14.20 -21.64 -1.56
N TYR C 96 14.94 -22.68 -1.12
CA TYR C 96 14.85 -23.24 0.23
C TYR C 96 16.16 -23.01 0.96
N GLY C 97 16.05 -22.49 2.18
CA GLY C 97 17.19 -22.21 3.03
C GLY C 97 17.72 -23.44 3.75
N GLY C 98 16.87 -24.45 3.89
CA GLY C 98 17.17 -25.69 4.61
C GLY C 98 16.52 -25.68 5.97
N ALA C 99 16.28 -26.88 6.54
CA ALA C 99 15.64 -27.02 7.85
C ALA C 99 16.33 -26.24 8.99
N GLY C 100 15.64 -25.21 9.47
CA GLY C 100 16.05 -24.33 10.55
C GLY C 100 17.14 -23.34 10.21
N ARG C 101 17.69 -23.40 9.00
CA ARG C 101 18.79 -22.53 8.58
C ARG C 101 18.34 -21.14 8.08
N SER C 102 19.27 -20.18 8.10
CA SER C 102 19.07 -18.82 7.60
C SER C 102 18.77 -18.80 6.08
N PHE C 103 18.04 -17.79 5.61
CA PHE C 103 17.76 -17.64 4.18
C PHE C 103 18.73 -16.62 3.60
N TRP C 124 30.44 -4.24 -5.51
CA TRP C 124 29.40 -4.91 -4.71
C TRP C 124 28.00 -4.47 -5.13
N ILE C 125 27.77 -3.15 -5.19
CA ILE C 125 26.51 -2.47 -5.56
C ILE C 125 25.86 -3.12 -6.78
N ASP C 126 26.64 -3.33 -7.86
CA ASP C 126 26.19 -3.91 -9.13
C ASP C 126 25.81 -5.39 -9.03
N ASP C 127 26.63 -6.19 -8.32
CA ASP C 127 26.42 -7.63 -8.14
C ASP C 127 25.12 -7.93 -7.39
N ILE C 128 24.81 -7.13 -6.35
CA ILE C 128 23.61 -7.27 -5.53
C ILE C 128 22.37 -6.81 -6.32
N THR C 129 22.46 -5.68 -7.07
CA THR C 129 21.38 -5.16 -7.89
C THR C 129 21.05 -6.14 -9.03
N ASP C 130 22.08 -6.72 -9.68
CA ASP C 130 21.89 -7.72 -10.75
C ASP C 130 21.06 -8.90 -10.24
N LEU C 131 21.38 -9.38 -9.02
CA LEU C 131 20.65 -10.49 -8.38
C LEU C 131 19.22 -10.10 -8.05
N TYR C 132 19.01 -8.93 -7.39
CA TYR C 132 17.67 -8.46 -7.02
C TYR C 132 16.80 -8.28 -8.25
N THR C 133 17.31 -7.56 -9.27
CA THR C 133 16.61 -7.32 -10.55
C THR C 133 16.37 -8.61 -11.32
N THR C 134 17.32 -9.58 -11.30
CA THR C 134 17.16 -10.88 -11.96
C THR C 134 15.96 -11.64 -11.38
N VAL C 135 15.98 -11.90 -10.05
CA VAL C 135 14.94 -12.62 -9.30
C VAL C 135 13.56 -12.00 -9.56
N ALA C 136 13.47 -10.66 -9.62
CA ALA C 136 12.21 -9.95 -9.88
C ALA C 136 11.82 -9.84 -11.37
N ALA C 137 12.80 -9.84 -12.31
CA ALA C 137 12.54 -9.68 -13.75
C ALA C 137 12.28 -10.96 -14.55
N ILE C 138 12.73 -12.16 -14.07
CA ILE C 138 12.50 -13.41 -14.81
C ILE C 138 10.99 -13.67 -15.04
N SER C 139 10.63 -14.38 -16.12
CA SER C 139 9.23 -14.61 -16.47
C SER C 139 8.53 -15.63 -15.55
N LYS C 140 9.30 -16.55 -14.94
CA LYS C 140 8.80 -17.61 -14.06
C LYS C 140 8.66 -17.20 -12.60
N PRO C 141 7.63 -17.66 -11.87
CA PRO C 141 7.50 -17.26 -10.46
C PRO C 141 8.49 -17.99 -9.55
N VAL C 142 8.90 -17.31 -8.47
CA VAL C 142 9.84 -17.82 -7.47
C VAL C 142 9.15 -17.91 -6.10
N ILE C 143 9.32 -19.04 -5.42
CA ILE C 143 8.79 -19.26 -4.09
C ILE C 143 9.99 -19.28 -3.13
N ALA C 144 9.89 -18.53 -2.04
CA ALA C 144 10.93 -18.51 -1.01
C ALA C 144 10.35 -19.27 0.17
N ALA C 145 10.95 -20.42 0.52
CA ALA C 145 10.52 -21.21 1.68
C ALA C 145 11.50 -20.89 2.81
N ILE C 146 11.02 -20.18 3.84
CA ILE C 146 11.81 -19.68 4.99
C ILE C 146 11.48 -20.48 6.27
N ASP C 147 12.51 -21.17 6.83
CA ASP C 147 12.38 -22.02 8.02
C ASP C 147 12.92 -21.41 9.30
N GLY C 148 13.85 -20.46 9.17
CA GLY C 148 14.45 -19.79 10.31
C GLY C 148 14.50 -18.29 10.15
N TYR C 149 15.69 -17.73 10.29
CA TYR C 149 15.95 -16.32 10.14
C TYR C 149 16.13 -15.93 8.68
N ALA C 150 15.71 -14.70 8.34
CA ALA C 150 15.87 -14.05 7.03
C ALA C 150 16.24 -12.61 7.41
N ILE C 151 17.57 -12.31 7.34
CA ILE C 151 18.18 -11.05 7.76
C ILE C 151 18.82 -10.30 6.60
N GLY C 152 18.70 -8.97 6.63
CA GLY C 152 19.26 -8.05 5.65
C GLY C 152 19.16 -8.52 4.22
N VAL C 153 20.32 -8.77 3.57
CA VAL C 153 20.45 -9.26 2.20
C VAL C 153 19.61 -10.52 1.96
N GLY C 154 19.68 -11.48 2.88
CA GLY C 154 18.90 -12.72 2.81
C GLY C 154 17.40 -12.45 2.73
N LEU C 155 16.90 -11.55 3.61
CA LEU C 155 15.50 -11.12 3.63
C LEU C 155 15.17 -10.36 2.33
N GLN C 156 16.09 -9.48 1.89
CA GLN C 156 15.94 -8.70 0.67
C GLN C 156 15.75 -9.61 -0.57
N ILE C 157 16.49 -10.75 -0.68
CA ILE C 157 16.35 -11.72 -1.76
C ILE C 157 14.92 -12.29 -1.76
N SER C 158 14.42 -12.75 -0.59
CA SER C 158 13.06 -13.28 -0.46
C SER C 158 11.98 -12.24 -0.84
N LEU C 159 12.28 -10.93 -0.67
CA LEU C 159 11.36 -9.84 -1.03
C LEU C 159 11.30 -9.61 -2.55
N CYS C 160 12.18 -10.28 -3.32
CA CYS C 160 12.20 -10.25 -4.79
C CYS C 160 11.37 -11.40 -5.33
N CYS C 161 10.98 -12.36 -4.46
CA CYS C 161 10.20 -13.54 -4.77
C CYS C 161 8.71 -13.24 -4.71
N ASP C 162 7.91 -14.01 -5.47
CA ASP C 162 6.46 -13.82 -5.61
C ASP C 162 5.66 -14.39 -4.45
N TYR C 163 6.21 -15.37 -3.73
CA TYR C 163 5.50 -15.99 -2.63
C TYR C 163 6.47 -16.45 -1.54
N ARG C 164 6.36 -15.83 -0.37
CA ARG C 164 7.18 -16.19 0.78
C ARG C 164 6.37 -17.03 1.72
N LEU C 165 6.81 -18.28 1.84
CA LEU C 165 6.18 -19.26 2.72
C LEU C 165 7.12 -19.45 3.91
N GLY C 166 6.63 -19.18 5.11
CA GLY C 166 7.43 -19.29 6.32
C GLY C 166 6.92 -20.35 7.28
N SER C 167 7.80 -20.94 8.06
CA SER C 167 7.37 -21.85 9.12
C SER C 167 6.89 -20.96 10.29
N GLU C 168 6.16 -21.51 11.26
CA GLU C 168 5.70 -20.74 12.42
C GLU C 168 6.88 -20.18 13.25
N GLN C 169 8.09 -20.72 13.03
CA GLN C 169 9.35 -20.41 13.69
C GLN C 169 10.15 -19.32 12.98
N ALA C 170 9.77 -18.97 11.73
CA ALA C 170 10.49 -17.98 10.93
C ALA C 170 10.52 -16.61 11.59
N ARG C 171 11.69 -15.94 11.50
CA ARG C 171 11.92 -14.60 12.03
C ARG C 171 12.58 -13.72 10.97
N LEU C 172 12.08 -12.49 10.82
CA LEU C 172 12.51 -11.54 9.79
C LEU C 172 13.08 -10.30 10.48
N VAL C 173 14.29 -9.90 10.08
CA VAL C 173 15.01 -8.75 10.65
C VAL C 173 15.66 -7.97 9.51
N MET C 174 15.64 -6.62 9.62
CA MET C 174 16.30 -5.67 8.71
C MET C 174 17.09 -4.73 9.66
N PRO C 175 18.26 -5.19 10.17
CA PRO C 175 18.95 -4.41 11.22
C PRO C 175 20.05 -3.45 10.77
N GLU C 176 20.12 -3.16 9.46
CA GLU C 176 21.12 -2.28 8.82
C GLU C 176 21.54 -1.05 9.64
N PHE C 177 20.57 -0.26 10.15
CA PHE C 177 20.85 0.95 10.94
C PHE C 177 21.67 0.68 12.22
N ARG C 178 21.32 -0.40 12.95
CA ARG C 178 22.03 -0.85 14.17
C ARG C 178 23.44 -1.35 13.84
N VAL C 179 23.61 -1.98 12.66
CA VAL C 179 24.88 -2.46 12.14
C VAL C 179 25.72 -1.24 11.67
N GLY C 180 25.05 -0.13 11.35
CA GLY C 180 25.68 1.12 10.95
C GLY C 180 25.82 1.34 9.45
N ILE C 181 24.97 0.69 8.65
CA ILE C 181 24.98 0.82 7.19
C ILE C 181 23.64 1.34 6.66
N ALA C 182 23.64 1.92 5.44
CA ALA C 182 22.45 2.44 4.79
C ALA C 182 21.49 1.29 4.45
N CYS C 183 20.17 1.58 4.40
CA CYS C 183 19.15 0.59 4.10
C CYS C 183 18.21 1.00 2.97
N ASN C 184 18.78 1.42 1.83
CA ASN C 184 18.03 1.88 0.67
C ASN C 184 17.27 0.75 -0.03
N PHE C 185 17.93 -0.41 -0.23
CA PHE C 185 17.31 -1.60 -0.82
C PHE C 185 16.24 -2.15 0.13
N GLY C 186 16.61 -2.39 1.39
CA GLY C 186 15.71 -2.92 2.40
C GLY C 186 14.47 -2.07 2.59
N GLY C 187 14.67 -0.75 2.66
CA GLY C 187 13.60 0.23 2.81
C GLY C 187 12.62 0.20 1.66
N PHE C 188 13.12 0.26 0.42
CA PHE C 188 12.27 0.21 -0.79
C PHE C 188 11.50 -1.11 -0.87
N MET C 189 12.23 -2.23 -0.79
CA MET C 189 11.67 -3.58 -0.88
C MET C 189 10.60 -3.88 0.17
N LEU C 190 10.78 -3.39 1.42
CA LEU C 190 9.82 -3.58 2.51
C LEU C 190 8.54 -2.77 2.30
N GLU C 191 8.69 -1.55 1.77
CA GLU C 191 7.55 -0.67 1.47
C GLU C 191 6.64 -1.35 0.43
N ALA C 192 7.23 -2.03 -0.57
CA ALA C 192 6.51 -2.75 -1.62
C ALA C 192 5.70 -3.92 -1.08
N ALA C 193 6.29 -4.74 -0.19
CA ALA C 193 5.64 -5.91 0.40
C ALA C 193 4.78 -5.63 1.63
N ALA C 194 5.09 -4.59 2.42
CA ALA C 194 4.34 -4.36 3.65
C ALA C 194 3.83 -2.94 3.90
N GLY C 195 4.12 -2.00 3.01
CA GLY C 195 3.72 -0.61 3.23
C GLY C 195 4.74 0.17 4.06
N ARG C 196 4.70 1.51 3.96
CA ARG C 196 5.59 2.45 4.62
C ARG C 196 5.68 2.26 6.14
N THR C 197 4.54 2.12 6.82
CA THR C 197 4.44 1.94 8.28
C THR C 197 5.31 0.79 8.79
N VAL C 198 5.17 -0.43 8.20
CA VAL C 198 5.92 -1.62 8.57
C VAL C 198 7.39 -1.43 8.26
N MET C 199 7.73 -0.92 7.06
CA MET C 199 9.11 -0.63 6.66
C MET C 199 9.79 0.29 7.70
N GLN C 200 9.09 1.35 8.11
CA GLN C 200 9.52 2.34 9.10
C GLN C 200 9.66 1.71 10.48
N ARG C 201 8.67 0.88 10.88
CA ARG C 201 8.70 0.16 12.16
C ARG C 201 9.98 -0.73 12.19
N MET C 202 10.24 -1.45 11.09
CA MET C 202 11.39 -2.36 10.96
C MET C 202 12.77 -1.69 10.94
N LEU C 203 12.94 -0.61 10.12
CA LEU C 203 14.23 0.07 9.97
C LEU C 203 14.63 0.85 11.20
N LEU C 204 13.67 1.57 11.79
CA LEU C 204 13.92 2.44 12.92
C LEU C 204 14.09 1.70 14.25
N THR C 205 13.39 0.55 14.46
CA THR C 205 13.52 -0.18 15.73
C THR C 205 14.52 -1.33 15.67
N CYS C 206 14.72 -1.91 14.46
CA CYS C 206 15.58 -3.06 14.19
C CYS C 206 15.10 -4.32 14.93
N ASP C 207 13.81 -4.35 15.28
CA ASP C 207 13.19 -5.48 15.97
C ASP C 207 12.94 -6.61 15.01
N GLU C 208 12.87 -7.81 15.57
CA GLU C 208 12.58 -9.05 14.87
C GLU C 208 11.06 -9.16 14.68
N TRP C 209 10.67 -9.67 13.50
CA TRP C 209 9.27 -9.91 13.15
C TRP C 209 9.01 -11.42 13.20
N PRO C 210 8.24 -11.91 14.18
CA PRO C 210 7.91 -13.34 14.19
C PRO C 210 6.93 -13.63 13.05
N ALA C 211 6.90 -14.90 12.57
CA ALA C 211 6.08 -15.37 11.44
C ALA C 211 4.64 -14.83 11.40
N GLU C 212 3.92 -14.88 12.53
CA GLU C 212 2.52 -14.46 12.57
C GLU C 212 2.34 -12.94 12.41
N ARG C 213 3.29 -12.13 12.94
CA ARG C 213 3.26 -10.69 12.74
C ARG C 213 3.65 -10.40 11.28
N ALA C 214 4.64 -11.15 10.75
CA ALA C 214 5.12 -11.02 9.36
C ALA C 214 3.98 -11.32 8.39
N LEU C 215 3.19 -12.36 8.68
CA LEU C 215 2.04 -12.77 7.87
C LEU C 215 0.97 -11.68 7.81
N ALA C 216 0.58 -11.15 8.97
CA ALA C 216 -0.41 -10.10 9.14
C ALA C 216 0.01 -8.80 8.41
N ASP C 217 1.32 -8.49 8.42
CA ASP C 217 1.90 -7.30 7.79
C ASP C 217 2.24 -7.47 6.29
N GLY C 218 2.09 -8.68 5.74
CA GLY C 218 2.36 -8.93 4.33
C GLY C 218 3.80 -9.28 3.98
N LEU C 219 4.63 -9.53 5.01
CA LEU C 219 6.03 -9.92 4.83
C LEU C 219 6.12 -11.40 4.48
N LEU C 220 5.08 -12.17 4.82
CA LEU C 220 4.94 -13.58 4.45
C LEU C 220 3.56 -13.73 3.82
N HIS C 221 3.49 -14.52 2.76
CA HIS C 221 2.24 -14.83 2.06
C HIS C 221 1.43 -15.89 2.80
N GLU C 222 2.13 -16.84 3.46
CA GLU C 222 1.55 -17.97 4.17
C GLU C 222 2.53 -18.53 5.20
N THR C 223 2.00 -19.12 6.28
CA THR C 223 2.78 -19.81 7.31
C THR C 223 2.32 -21.25 7.42
N VAL C 224 3.25 -22.17 7.72
CA VAL C 224 2.97 -23.60 7.93
C VAL C 224 3.81 -24.09 9.09
N ALA C 225 3.51 -25.30 9.60
CA ALA C 225 4.31 -25.94 10.64
C ALA C 225 5.62 -26.33 9.95
N SER C 226 6.75 -26.17 10.65
CA SER C 226 8.10 -26.50 10.16
C SER C 226 8.16 -27.84 9.37
N PRO C 227 7.56 -28.99 9.82
CA PRO C 227 7.61 -30.22 9.00
C PRO C 227 6.99 -30.12 7.60
N ARG C 228 5.88 -29.39 7.47
CA ARG C 228 5.14 -29.18 6.22
C ARG C 228 5.80 -28.20 5.23
N LEU C 229 6.71 -27.33 5.70
CA LEU C 229 7.31 -26.25 4.90
C LEU C 229 7.72 -26.64 3.47
N LEU C 230 8.65 -27.61 3.31
CA LEU C 230 9.13 -27.99 1.99
C LEU C 230 8.05 -28.62 1.12
N ASP C 231 7.18 -29.51 1.65
CA ASP C 231 6.18 -30.08 0.75
C ASP C 231 5.08 -29.09 0.37
N ARG C 232 4.72 -28.16 1.28
CA ARG C 232 3.71 -27.14 0.98
C ARG C 232 4.24 -26.22 -0.15
N ALA C 233 5.55 -25.92 -0.11
CA ALA C 233 6.26 -25.13 -1.13
C ALA C 233 6.22 -25.82 -2.51
N LEU C 234 6.53 -27.13 -2.55
CA LEU C 234 6.52 -27.94 -3.79
C LEU C 234 5.08 -28.17 -4.30
N GLU C 235 4.10 -28.32 -3.39
CA GLU C 235 2.68 -28.47 -3.74
C GLU C 235 2.19 -27.18 -4.43
N LEU C 236 2.63 -26.00 -3.91
CA LEU C 236 2.28 -24.71 -4.49
C LEU C 236 2.99 -24.52 -5.83
N ALA C 237 4.28 -24.90 -5.89
CA ALA C 237 5.08 -24.84 -7.13
C ALA C 237 4.43 -25.70 -8.24
N ARG C 238 3.82 -26.85 -7.84
CA ARG C 238 3.11 -27.79 -8.72
C ARG C 238 1.84 -27.16 -9.27
N THR C 239 1.04 -26.53 -8.39
CA THR C 239 -0.19 -25.80 -8.72
C THR C 239 0.14 -24.70 -9.74
N ILE C 240 1.20 -23.92 -9.47
CA ILE C 240 1.69 -22.86 -10.36
C ILE C 240 2.17 -23.44 -11.70
N SER C 241 2.93 -24.56 -11.64
CA SER C 241 3.43 -25.28 -12.83
C SER C 241 2.29 -25.81 -13.69
N GLY C 242 1.16 -26.11 -13.06
CA GLY C 242 -0.05 -26.61 -13.70
C GLY C 242 -0.88 -25.55 -14.40
N TYR C 243 -0.43 -24.28 -14.37
CA TYR C 243 -1.11 -23.17 -15.04
C TYR C 243 -0.45 -22.99 -16.39
N THR C 244 -1.25 -22.60 -17.40
CA THR C 244 -0.81 -22.32 -18.78
C THR C 244 0.38 -21.38 -18.69
N ALA C 245 1.58 -21.91 -18.99
CA ALA C 245 2.85 -21.20 -18.94
C ALA C 245 2.73 -19.76 -19.42
N GLU C 246 2.18 -19.55 -20.64
CA GLU C 246 1.98 -18.25 -21.32
C GLU C 246 1.25 -17.23 -20.43
N ALA C 247 0.16 -17.65 -19.78
CA ALA C 247 -0.65 -16.80 -18.90
C ALA C 247 0.15 -16.22 -17.73
N VAL C 248 0.88 -17.09 -17.01
CA VAL C 248 1.72 -16.75 -15.86
C VAL C 248 2.93 -15.92 -16.30
N GLN C 249 3.68 -16.44 -17.30
CA GLN C 249 4.93 -15.86 -17.82
C GLN C 249 4.75 -14.54 -18.60
N SER C 250 3.50 -14.16 -18.93
CA SER C 250 3.23 -12.87 -19.57
C SER C 250 2.68 -11.85 -18.55
N THR C 251 2.33 -12.32 -17.33
CA THR C 251 1.82 -11.46 -16.24
C THR C 251 2.96 -11.02 -15.31
N ARG C 252 3.77 -11.98 -14.82
CA ARG C 252 4.85 -11.78 -13.86
C ARG C 252 5.86 -10.67 -14.22
N PRO C 253 6.55 -10.64 -15.40
CA PRO C 253 7.53 -9.55 -15.60
C PRO C 253 6.91 -8.16 -15.71
N ARG C 254 5.67 -8.10 -16.21
CA ARG C 254 4.93 -6.85 -16.36
C ARG C 254 4.41 -6.29 -15.04
N VAL C 255 3.89 -7.16 -14.17
CA VAL C 255 3.42 -6.80 -12.83
C VAL C 255 4.61 -6.38 -11.93
N ASN C 256 5.82 -6.93 -12.21
CA ASN C 256 7.05 -6.59 -11.48
C ASN C 256 7.90 -5.48 -12.12
N ALA C 257 7.46 -4.88 -13.26
CA ALA C 257 8.21 -3.80 -13.92
C ALA C 257 8.40 -2.55 -12.99
N PRO C 258 7.34 -1.97 -12.35
CA PRO C 258 7.58 -0.84 -11.41
C PRO C 258 8.58 -1.13 -10.28
N PHE C 259 8.55 -2.36 -9.73
CA PHE C 259 9.43 -2.85 -8.67
C PHE C 259 10.89 -2.87 -9.13
N VAL C 260 11.17 -3.50 -10.29
CA VAL C 260 12.51 -3.61 -10.92
C VAL C 260 13.09 -2.21 -11.23
N ALA C 261 12.23 -1.29 -11.72
CA ALA C 261 12.54 0.11 -12.01
C ALA C 261 13.04 0.82 -10.74
N GLY C 262 12.36 0.57 -9.61
CA GLY C 262 12.69 1.14 -8.32
C GLY C 262 14.04 0.65 -7.81
N LEU C 263 14.38 -0.64 -8.10
CA LEU C 263 15.66 -1.24 -7.71
C LEU C 263 16.79 -0.60 -8.51
N GLU C 264 16.53 -0.34 -9.82
CA GLU C 264 17.46 0.28 -10.76
C GLU C 264 17.86 1.69 -10.36
N ARG C 265 16.90 2.50 -9.90
CA ARG C 265 17.12 3.86 -9.42
C ARG C 265 18.05 3.83 -8.20
N ILE C 266 17.89 2.82 -7.31
CA ILE C 266 18.70 2.66 -6.09
C ILE C 266 20.18 2.41 -6.44
N ARG C 267 20.45 1.67 -7.53
CA ARG C 267 21.81 1.43 -7.99
C ARG C 267 22.50 2.77 -8.27
N ARG C 268 21.87 3.61 -9.12
CA ARG C 268 22.35 4.94 -9.53
C ARG C 268 22.56 5.92 -8.37
N GLU C 269 21.57 6.04 -7.46
CA GLU C 269 21.64 6.94 -6.30
C GLU C 269 22.70 6.52 -5.26
N ALA C 270 23.30 5.32 -5.44
CA ALA C 270 24.34 4.78 -4.57
C ALA C 270 25.53 4.27 -5.38
#